data_3ROK
#
_entry.id   3ROK
#
_cell.length_a   41.870
_cell.length_b   53.658
_cell.length_c   63.562
_cell.angle_alpha   109.560
_cell.angle_beta   90.950
_cell.angle_gamma   94.730
#
_symmetry.space_group_name_H-M   'P 1'
#
loop_
_entity.id
_entity.type
_entity.pdbx_description
1 polymer 'ADP-ribosyl cyclase 1'
2 non-polymer 5-O-[(S)-butoxy(hydroxy)phosphoryl]-2-deoxy-2-fluoro-alpha-D-arabinofuranose
3 water water
#
_entity_poly.entity_id   1
_entity_poly.type   'polypeptide(L)'
_entity_poly.pdbx_seq_one_letter_code
;EFRWRQTWSGPGTTKRFPETVLARCVKYTEIHPEMRHVDCQSVWDAFKGAFISKHPCDITEEDYQPLMKLGTQTVPCNKI
LLWSRIKDLAHQFTQVQRDMFTLEDTLLGYLADDLTWCGEFDTSKINYQSCPDWRKDCSNNPVSVFWKTVSRRFAEAACD
VVHVMLDGSRSKIFDKDSTFGSVEVHNLQPEKVQTLEAWVIHGGREDSRDLCQDPTIKELESIISKRNIQFSCKNIYRPD
KFLQCVKNPEDSSC
;
_entity_poly.pdbx_strand_id   A,B
#
# COMPACT_ATOMS: atom_id res chain seq x y z
N TRP A 4 -35.20 -18.40 -2.75
CA TRP A 4 -34.77 -19.83 -2.82
C TRP A 4 -33.30 -19.96 -3.21
N ARG A 5 -32.74 -18.90 -3.81
CA ARG A 5 -31.33 -18.85 -4.13
C ARG A 5 -30.69 -17.64 -3.48
N GLN A 6 -29.44 -17.79 -3.07
CA GLN A 6 -28.68 -16.72 -2.46
C GLN A 6 -27.75 -16.11 -3.52
N THR A 7 -27.49 -14.81 -3.38
CA THR A 7 -26.65 -14.09 -4.31
C THR A 7 -25.21 -14.55 -4.22
N TRP A 8 -24.72 -14.74 -2.99
CA TRP A 8 -23.30 -15.02 -2.74
C TRP A 8 -23.09 -16.39 -2.11
N SER A 9 -21.82 -16.81 -2.08
CA SER A 9 -21.42 -18.12 -1.58
C SER A 9 -21.14 -18.15 -0.08
N GLY A 10 -20.77 -17.02 0.50
CA GLY A 10 -20.40 -16.98 1.92
C GLY A 10 -21.60 -16.76 2.84
N PRO A 11 -21.43 -17.07 4.14
CA PRO A 11 -22.48 -16.76 5.13
C PRO A 11 -22.82 -15.28 5.11
N GLY A 12 -24.08 -14.97 5.38
CA GLY A 12 -24.56 -13.59 5.41
C GLY A 12 -24.18 -12.87 6.70
N THR A 13 -24.61 -11.63 6.83
CA THR A 13 -24.31 -10.84 8.00
C THR A 13 -24.81 -11.54 9.25
N THR A 14 -24.04 -11.44 10.32
CA THR A 14 -24.39 -12.02 11.59
C THR A 14 -25.66 -11.36 12.08
N LYS A 15 -26.57 -12.14 12.64
CA LYS A 15 -27.81 -11.55 13.09
C LYS A 15 -27.55 -10.49 14.14
N ARG A 16 -28.37 -9.44 14.13
CA ARG A 16 -28.26 -8.30 15.05
C ARG A 16 -26.87 -7.64 15.00
N PHE A 17 -26.25 -7.61 13.83
CA PHE A 17 -24.91 -7.04 13.65
C PHE A 17 -24.79 -5.62 14.21
N PRO A 18 -25.71 -4.72 13.84
CA PRO A 18 -25.63 -3.35 14.35
C PRO A 18 -25.61 -3.28 15.88
N GLU A 19 -26.51 -4.00 16.54
CA GLU A 19 -26.59 -4.00 18.00
C GLU A 19 -25.36 -4.62 18.64
N THR A 20 -24.87 -5.72 18.07
CA THR A 20 -23.67 -6.39 18.57
C THR A 20 -22.42 -5.52 18.49
N VAL A 21 -22.20 -4.85 17.37
CA VAL A 21 -21.06 -3.96 17.23
C VAL A 21 -21.12 -2.80 18.24
N LEU A 22 -22.29 -2.16 18.35
CA LEU A 22 -22.46 -1.07 19.29
C LEU A 22 -22.21 -1.56 20.73
N ALA A 23 -22.75 -2.72 21.07
CA ALA A 23 -22.61 -3.28 22.42
C ALA A 23 -21.17 -3.67 22.74
N ARG A 24 -20.47 -4.22 21.76
CA ARG A 24 -19.07 -4.53 21.93
C ARG A 24 -18.25 -3.26 22.15
N CYS A 25 -18.61 -2.20 21.44
CA CYS A 25 -17.90 -0.93 21.56
C CYS A 25 -18.09 -0.34 22.96
N VAL A 26 -19.34 -0.31 23.40
CA VAL A 26 -19.66 0.16 24.76
C VAL A 26 -18.85 -0.61 25.81
N LYS A 27 -18.84 -1.94 25.71
CA LYS A 27 -18.14 -2.77 26.68
C LYS A 27 -16.64 -2.51 26.66
N TYR A 28 -16.06 -2.46 25.46
CA TYR A 28 -14.63 -2.25 25.33
C TYR A 28 -14.22 -0.91 25.93
N THR A 29 -14.98 0.14 25.61
CA THR A 29 -14.64 1.49 26.03
C THR A 29 -14.93 1.72 27.53
N GLU A 30 -15.77 0.85 28.11
CA GLU A 30 -15.97 0.83 29.56
C GLU A 30 -14.79 0.21 30.31
N ILE A 31 -14.25 -0.88 29.77
CA ILE A 31 -13.17 -1.63 30.42
C ILE A 31 -11.81 -0.94 30.25
N HIS A 32 -11.55 -0.41 29.06
CA HIS A 32 -10.23 0.12 28.71
C HIS A 32 -10.20 1.63 28.87
N PRO A 33 -9.52 2.13 29.92
CA PRO A 33 -9.66 3.55 30.26
C PRO A 33 -9.20 4.55 29.20
N GLU A 34 -8.24 4.16 28.38
CA GLU A 34 -7.72 5.02 27.32
C GLU A 34 -8.73 5.25 26.18
N MET A 35 -9.76 4.41 26.12
CA MET A 35 -10.80 4.52 25.09
C MET A 35 -12.08 5.19 25.62
N ARG A 36 -11.98 5.89 26.75
CA ARG A 36 -13.12 6.64 27.30
C ARG A 36 -13.59 7.77 26.38
N HIS A 37 -12.67 8.33 25.60
CA HIS A 37 -12.97 9.46 24.69
C HIS A 37 -13.86 9.05 23.52
N VAL A 38 -13.97 7.75 23.28
CA VAL A 38 -14.59 7.21 22.08
C VAL A 38 -16.11 7.28 22.14
N ASP A 39 -16.72 7.85 21.10
CA ASP A 39 -18.18 7.90 20.95
C ASP A 39 -18.60 6.69 20.15
N CYS A 40 -19.29 5.74 20.78
CA CYS A 40 -19.57 4.46 20.14
C CYS A 40 -20.59 4.56 19.03
N GLN A 41 -21.53 5.49 19.15
CA GLN A 41 -22.44 5.75 18.05
C GLN A 41 -21.69 6.25 16.82
N SER A 42 -20.68 7.09 17.03
CA SER A 42 -19.86 7.60 15.92
C SER A 42 -19.04 6.47 15.28
N VAL A 43 -18.49 5.59 16.11
CA VAL A 43 -17.78 4.40 15.61
C VAL A 43 -18.69 3.56 14.72
N TRP A 44 -19.89 3.25 15.21
CA TRP A 44 -20.85 2.48 14.42
C TRP A 44 -21.23 3.18 13.13
N ASP A 45 -21.48 4.50 13.19
CA ASP A 45 -21.81 5.26 11.99
C ASP A 45 -20.69 5.13 10.96
N ALA A 46 -19.44 5.24 11.44
CA ALA A 46 -18.25 5.11 10.60
C ALA A 46 -18.11 3.70 10.01
N PHE A 47 -18.40 2.70 10.84
CA PHE A 47 -18.36 1.29 10.42
C PHE A 47 -19.39 1.06 9.30
N LYS A 48 -20.63 1.49 9.55
CA LYS A 48 -21.71 1.41 8.54
C LYS A 48 -21.34 2.09 7.25
N GLY A 49 -20.83 3.31 7.37
CA GLY A 49 -20.45 4.11 6.21
C GLY A 49 -19.46 3.41 5.30
N ALA A 50 -18.69 2.47 5.85
CA ALA A 50 -17.71 1.73 5.05
C ALA A 50 -18.32 0.81 4.01
N PHE A 51 -19.51 0.28 4.27
CA PHE A 51 -20.05 -0.81 3.44
C PHE A 51 -21.54 -0.75 3.08
N ILE A 52 -22.33 0.03 3.79
CA ILE A 52 -23.74 0.19 3.45
C ILE A 52 -23.87 0.94 2.13
N SER A 53 -24.79 0.48 1.27
CA SER A 53 -25.06 1.10 -0.02
C SER A 53 -23.89 0.98 -1.01
N LYS A 54 -22.93 0.11 -0.70
CA LYS A 54 -21.80 -0.14 -1.58
C LYS A 54 -21.89 -1.55 -2.12
N HIS A 55 -21.39 -1.76 -3.33
CA HIS A 55 -21.36 -3.10 -3.89
C HIS A 55 -20.37 -3.89 -3.05
N PRO A 56 -20.77 -5.06 -2.53
CA PRO A 56 -19.89 -5.78 -1.61
C PRO A 56 -18.68 -6.47 -2.25
N CYS A 57 -18.50 -6.29 -3.55
CA CYS A 57 -17.29 -6.71 -4.23
C CYS A 57 -16.41 -5.54 -4.66
N ASP A 58 -16.74 -4.34 -4.16
CA ASP A 58 -16.01 -3.12 -4.51
C ASP A 58 -15.72 -2.27 -3.27
N ILE A 59 -15.24 -2.91 -2.21
CA ILE A 59 -14.87 -2.21 -0.98
C ILE A 59 -13.38 -1.92 -1.06
N THR A 60 -12.97 -0.75 -0.56
CA THR A 60 -11.57 -0.34 -0.54
C THR A 60 -11.11 0.00 0.86
N GLU A 61 -9.80 0.06 1.07
CA GLU A 61 -9.26 0.47 2.39
C GLU A 61 -9.68 1.89 2.74
N GLU A 62 -9.82 2.75 1.74
CA GLU A 62 -10.28 4.13 1.98
C GLU A 62 -11.68 4.16 2.61
N ASP A 63 -12.53 3.21 2.22
CA ASP A 63 -13.88 3.09 2.79
C ASP A 63 -13.85 2.99 4.30
N TYR A 64 -12.82 2.33 4.83
CA TYR A 64 -12.68 2.10 6.26
C TYR A 64 -11.89 3.19 6.99
N GLN A 65 -11.45 4.22 6.27
CA GLN A 65 -10.61 5.26 6.89
C GLN A 65 -11.26 6.03 8.05
N PRO A 66 -12.56 6.37 7.92
CA PRO A 66 -13.22 7.04 9.05
C PRO A 66 -13.28 6.18 10.31
N LEU A 67 -13.52 4.88 10.13
CA LEU A 67 -13.53 3.94 11.25
C LEU A 67 -12.14 3.79 11.88
N MET A 68 -11.12 3.68 11.04
CA MET A 68 -9.73 3.57 11.50
C MET A 68 -9.36 4.79 12.35
N LYS A 69 -9.77 5.96 11.89
CA LYS A 69 -9.49 7.22 12.59
C LYS A 69 -10.14 7.23 13.99
N LEU A 70 -11.40 6.83 14.06
CA LEU A 70 -12.13 6.79 15.32
C LEU A 70 -11.63 5.71 16.27
N GLY A 71 -11.17 4.59 15.71
CA GLY A 71 -10.66 3.45 16.48
C GLY A 71 -9.16 3.51 16.71
N THR A 72 -8.56 4.69 16.47
CA THR A 72 -7.15 4.92 16.74
C THR A 72 -6.83 4.58 18.20
N GLN A 73 -5.75 3.82 18.39
CA GLN A 73 -5.43 3.31 19.71
C GLN A 73 -3.93 3.08 19.77
N THR A 74 -3.31 3.55 20.84
CA THR A 74 -1.89 3.30 21.09
C THR A 74 -1.81 1.91 21.70
N VAL A 75 -1.03 1.05 21.07
CA VAL A 75 -0.81 -0.31 21.57
C VAL A 75 0.64 -0.40 22.03
N PRO A 76 0.91 -1.09 23.16
CA PRO A 76 2.32 -1.18 23.54
C PRO A 76 3.11 -1.89 22.45
N CYS A 77 3.97 -1.16 21.78
CA CYS A 77 4.53 -1.62 20.50
C CYS A 77 5.38 -2.87 20.63
N ASN A 78 5.98 -3.08 21.81
CA ASN A 78 6.90 -4.16 22.02
C ASN A 78 6.23 -5.40 22.57
N LYS A 79 4.91 -5.37 22.65
CA LYS A 79 4.15 -6.44 23.28
C LYS A 79 3.11 -7.06 22.37
N ILE A 80 3.38 -7.05 21.07
CA ILE A 80 2.43 -7.54 20.09
C ILE A 80 2.64 -9.03 19.85
N LEU A 81 1.52 -9.76 19.86
CA LEU A 81 1.51 -11.17 19.53
C LEU A 81 0.69 -11.34 18.28
N LEU A 82 1.37 -11.69 17.20
CA LEU A 82 0.71 -12.08 15.96
C LEU A 82 0.46 -13.59 16.04
N TRP A 83 -0.40 -14.10 15.18
CA TRP A 83 -0.67 -15.53 15.16
C TRP A 83 -1.16 -15.89 13.77
N SER A 84 -1.03 -17.16 13.41
CA SER A 84 -1.51 -17.61 12.13
C SER A 84 -2.13 -19.00 12.29
N ARG A 85 -3.42 -19.08 11.98
CA ARG A 85 -4.17 -20.34 11.98
C ARG A 85 -4.18 -21.04 13.34
N ILE A 86 -4.11 -20.27 14.43
CA ILE A 86 -4.12 -20.79 15.80
C ILE A 86 -4.71 -19.74 16.78
N LYS A 87 -5.91 -19.27 16.43
CA LYS A 87 -6.57 -18.14 17.10
C LYS A 87 -6.81 -18.37 18.61
N ASP A 88 -7.37 -19.53 18.93
CA ASP A 88 -7.82 -19.85 20.29
C ASP A 88 -6.71 -19.81 21.31
N LEU A 89 -5.58 -20.43 20.98
CA LEU A 89 -4.43 -20.47 21.89
C LEU A 89 -3.85 -19.08 22.09
N ALA A 90 -3.76 -18.30 21.01
CA ALA A 90 -3.27 -16.95 21.10
C ALA A 90 -4.14 -16.12 22.03
N HIS A 91 -5.45 -16.23 21.88
CA HIS A 91 -6.38 -15.53 22.75
C HIS A 91 -6.35 -16.04 24.20
N GLN A 92 -6.34 -17.35 24.38
CA GLN A 92 -6.15 -17.94 25.71
C GLN A 92 -4.93 -17.34 26.39
N PHE A 93 -3.85 -17.23 25.63
CA PHE A 93 -2.58 -16.72 26.14
C PHE A 93 -2.70 -15.27 26.63
N THR A 94 -3.25 -14.39 25.80
CA THR A 94 -3.34 -12.97 26.16
C THR A 94 -4.47 -12.70 27.17
N GLN A 95 -5.42 -13.61 27.29
CA GLN A 95 -6.43 -13.52 28.35
C GLN A 95 -5.78 -13.68 29.72
N VAL A 96 -4.68 -14.43 29.77
CA VAL A 96 -3.97 -14.69 31.02
C VAL A 96 -2.74 -13.78 31.10
N GLN A 97 -1.96 -13.75 30.02
CA GLN A 97 -0.81 -12.87 29.92
C GLN A 97 -1.29 -11.52 29.38
N ARG A 98 -1.87 -10.72 30.28
CA ARG A 98 -2.58 -9.49 29.91
C ARG A 98 -1.73 -8.34 29.40
N ASP A 99 -0.40 -8.50 29.44
CA ASP A 99 0.53 -7.50 28.92
C ASP A 99 1.03 -7.88 27.52
N MET A 100 0.37 -8.82 26.85
CA MET A 100 0.62 -9.01 25.43
C MET A 100 -0.69 -8.92 24.72
N PHE A 101 -0.62 -8.48 23.47
CA PHE A 101 -1.82 -8.06 22.78
C PHE A 101 -1.87 -8.65 21.40
N THR A 102 -2.99 -9.30 21.08
CA THR A 102 -3.28 -9.68 19.71
C THR A 102 -4.19 -8.64 19.07
N LEU A 103 -4.43 -8.76 17.78
CA LEU A 103 -5.28 -7.82 17.07
C LEU A 103 -6.69 -7.76 17.67
N GLU A 104 -7.17 -8.89 18.15
CA GLU A 104 -8.51 -8.98 18.71
C GLU A 104 -8.60 -8.37 20.11
N ASP A 105 -7.47 -7.94 20.67
CA ASP A 105 -7.45 -7.25 21.94
C ASP A 105 -7.52 -5.73 21.75
N THR A 106 -7.46 -5.27 20.51
CA THR A 106 -7.65 -3.87 20.16
C THR A 106 -9.14 -3.64 19.97
N LEU A 107 -9.57 -2.38 20.06
CA LEU A 107 -10.97 -2.04 19.91
C LEU A 107 -11.50 -2.55 18.58
N LEU A 108 -10.80 -2.27 17.50
CA LEU A 108 -11.34 -2.58 16.18
C LEU A 108 -11.39 -4.09 15.95
N GLY A 109 -10.36 -4.79 16.40
CA GLY A 109 -10.36 -6.25 16.31
C GLY A 109 -11.44 -6.86 17.17
N TYR A 110 -11.66 -6.30 18.35
CA TYR A 110 -12.67 -6.79 19.29
C TYR A 110 -14.08 -6.64 18.71
N LEU A 111 -14.33 -5.51 18.06
CA LEU A 111 -15.64 -5.19 17.48
C LEU A 111 -16.02 -6.23 16.41
N ALA A 112 -15.05 -6.58 15.57
CA ALA A 112 -15.33 -7.39 14.38
C ALA A 112 -15.10 -8.90 14.57
N ASP A 113 -14.42 -9.30 15.65
CA ASP A 113 -14.04 -10.72 15.86
C ASP A 113 -15.22 -11.70 15.66
N ASP A 114 -15.03 -12.66 14.76
CA ASP A 114 -16.01 -13.74 14.50
C ASP A 114 -17.33 -13.28 13.85
N LEU A 115 -17.39 -12.05 13.35
CA LEU A 115 -18.57 -11.51 12.69
C LEU A 115 -18.41 -11.46 11.17
N THR A 116 -19.55 -11.45 10.49
CA THR A 116 -19.64 -11.29 9.05
C THR A 116 -20.61 -10.15 8.77
N TRP A 117 -20.34 -9.34 7.75
CA TRP A 117 -21.24 -8.25 7.37
C TRP A 117 -21.08 -7.93 5.90
N CYS A 118 -22.18 -7.53 5.27
CA CYS A 118 -22.10 -6.93 3.95
C CYS A 118 -23.39 -6.16 3.65
N GLY A 119 -23.31 -5.24 2.69
CA GLY A 119 -24.46 -4.49 2.22
C GLY A 119 -24.80 -4.88 0.81
N GLU A 120 -25.58 -4.03 0.17
CA GLU A 120 -26.10 -4.26 -1.17
C GLU A 120 -25.95 -2.95 -1.92
N PHE A 121 -25.64 -3.00 -3.21
CA PHE A 121 -25.40 -1.78 -3.97
C PHE A 121 -26.72 -1.04 -4.18
N ASP A 122 -26.70 0.28 -3.93
CA ASP A 122 -27.87 1.17 -4.15
C ASP A 122 -29.11 0.83 -3.32
N THR A 123 -28.88 0.33 -2.11
CA THR A 123 -29.93 0.16 -1.10
C THR A 123 -29.26 0.05 0.27
N SER A 124 -29.84 0.66 1.28
CA SER A 124 -29.20 0.75 2.61
C SER A 124 -29.28 -0.54 3.42
N LYS A 125 -29.87 -1.59 2.86
CA LYS A 125 -30.10 -2.84 3.57
C LYS A 125 -28.81 -3.62 3.85
N ILE A 126 -28.75 -4.19 5.05
CA ILE A 126 -27.75 -5.18 5.40
C ILE A 126 -28.16 -6.54 4.87
N ASN A 127 -27.25 -7.24 4.21
CA ASN A 127 -27.56 -8.55 3.65
C ASN A 127 -27.36 -9.65 4.70
N TYR A 128 -28.47 -10.15 5.24
CA TYR A 128 -28.44 -11.25 6.23
C TYR A 128 -28.59 -12.64 5.62
N GLN A 129 -28.61 -12.75 4.29
CA GLN A 129 -28.79 -14.02 3.61
C GLN A 129 -27.42 -14.59 3.18
N SER A 130 -26.62 -13.76 2.53
CA SER A 130 -25.29 -14.20 2.07
C SER A 130 -24.35 -13.02 1.88
N CYS A 131 -23.04 -13.32 1.95
CA CYS A 131 -22.01 -12.33 1.69
C CYS A 131 -20.93 -12.96 0.82
N PRO A 132 -20.20 -12.12 0.04
CA PRO A 132 -19.18 -12.70 -0.83
C PRO A 132 -18.11 -13.48 -0.10
N ASP A 133 -17.84 -14.68 -0.60
CA ASP A 133 -16.69 -15.47 -0.19
C ASP A 133 -15.45 -14.94 -0.92
N TRP A 134 -14.37 -14.78 -0.17
CA TRP A 134 -13.12 -14.25 -0.69
C TRP A 134 -12.64 -15.05 -1.92
N ARG A 135 -12.77 -16.36 -1.86
CA ARG A 135 -12.27 -17.22 -2.94
C ARG A 135 -13.31 -17.43 -4.02
N LYS A 136 -14.55 -17.74 -3.64
CA LYS A 136 -15.57 -18.09 -4.62
C LYS A 136 -16.18 -16.89 -5.32
N ASP A 137 -16.18 -15.74 -4.67
CA ASP A 137 -16.89 -14.56 -5.21
C ASP A 137 -15.95 -13.41 -5.54
N CYS A 138 -15.32 -12.82 -4.52
CA CYS A 138 -14.44 -11.68 -4.74
C CYS A 138 -13.64 -11.34 -3.51
N SER A 139 -12.43 -10.82 -3.71
CA SER A 139 -11.53 -10.49 -2.61
C SER A 139 -11.84 -9.13 -1.93
N ASN A 140 -12.38 -8.18 -2.70
CA ASN A 140 -12.60 -6.82 -2.19
C ASN A 140 -13.97 -6.71 -1.51
N ASN A 141 -14.22 -7.60 -0.55
CA ASN A 141 -15.49 -7.67 0.16
C ASN A 141 -15.33 -7.02 1.54
N PRO A 142 -16.46 -6.63 2.16
CA PRO A 142 -16.38 -5.84 3.39
C PRO A 142 -15.53 -6.47 4.50
N VAL A 143 -15.69 -7.77 4.72
CA VAL A 143 -14.98 -8.45 5.79
C VAL A 143 -13.47 -8.56 5.47
N SER A 144 -13.15 -9.04 4.28
CA SER A 144 -11.76 -9.24 3.88
C SER A 144 -10.98 -7.92 3.85
N VAL A 145 -11.60 -6.87 3.32
CA VAL A 145 -10.92 -5.59 3.23
C VAL A 145 -10.69 -5.01 4.63
N PHE A 146 -11.67 -5.15 5.52
CA PHE A 146 -11.50 -4.71 6.90
C PHE A 146 -10.30 -5.35 7.55
N TRP A 147 -10.22 -6.67 7.48
CA TRP A 147 -9.14 -7.38 8.16
C TRP A 147 -7.77 -7.05 7.57
N LYS A 148 -7.70 -6.90 6.25
CA LYS A 148 -6.46 -6.49 5.64
C LYS A 148 -6.04 -5.11 6.15
N THR A 149 -6.97 -4.17 6.20
CA THR A 149 -6.63 -2.80 6.60
C THR A 149 -6.17 -2.72 8.05
N VAL A 150 -6.94 -3.33 8.95
CA VAL A 150 -6.59 -3.27 10.37
C VAL A 150 -5.32 -4.12 10.68
N SER A 151 -5.11 -5.22 9.95
CA SER A 151 -3.93 -6.09 10.16
C SER A 151 -2.66 -5.34 9.74
N ARG A 152 -2.76 -4.58 8.66
CA ARG A 152 -1.61 -3.80 8.20
C ARG A 152 -1.22 -2.77 9.25
N ARG A 153 -2.22 -2.04 9.74
CA ARG A 153 -2.02 -0.99 10.72
C ARG A 153 -1.45 -1.57 12.01
N PHE A 154 -1.93 -2.74 12.41
CA PHE A 154 -1.43 -3.42 13.62
C PHE A 154 0.02 -3.81 13.45
N ALA A 155 0.37 -4.41 12.31
CA ALA A 155 1.76 -4.79 12.07
C ALA A 155 2.68 -3.55 12.02
N GLU A 156 2.18 -2.45 11.47
CA GLU A 156 2.94 -1.18 11.40
C GLU A 156 3.24 -0.59 12.78
N ALA A 157 2.42 -0.94 13.76
CA ALA A 157 2.56 -0.44 15.12
C ALA A 157 3.66 -1.14 15.91
N ALA A 158 4.05 -2.32 15.47
CA ALA A 158 4.96 -3.17 16.25
C ALA A 158 6.36 -2.61 16.28
N CYS A 159 7.06 -2.91 17.36
CA CYS A 159 8.45 -2.53 17.51
C CYS A 159 9.18 -3.60 18.32
N ASP A 160 10.50 -3.49 18.38
CA ASP A 160 11.36 -4.31 19.25
C ASP A 160 11.25 -5.78 18.85
N VAL A 161 10.84 -6.64 19.77
CA VAL A 161 10.63 -8.03 19.45
C VAL A 161 9.12 -8.25 19.28
N VAL A 162 8.76 -8.72 18.10
CA VAL A 162 7.38 -9.12 17.77
C VAL A 162 7.32 -10.65 17.78
N HIS A 163 6.29 -11.19 18.42
CA HIS A 163 6.14 -12.64 18.52
C HIS A 163 5.02 -13.10 17.60
N VAL A 164 5.15 -14.29 17.02
CA VAL A 164 4.08 -14.89 16.26
C VAL A 164 3.86 -16.33 16.69
N MET A 165 2.63 -16.67 17.00
CA MET A 165 2.28 -18.05 17.34
C MET A 165 1.87 -18.76 16.06
N LEU A 166 2.48 -19.91 15.81
CA LEU A 166 2.18 -20.71 14.63
C LEU A 166 1.79 -22.14 15.03
N ASP A 167 1.02 -22.78 14.16
CA ASP A 167 0.48 -24.11 14.42
C ASP A 167 1.39 -25.18 13.81
N GLY A 168 2.18 -25.81 14.66
CA GLY A 168 3.10 -26.86 14.24
C GLY A 168 2.48 -28.17 13.79
N SER A 169 1.16 -28.31 13.92
CA SER A 169 0.45 -29.51 13.43
C SER A 169 -0.08 -29.40 12.00
N ARG A 170 0.05 -28.21 11.40
CA ARG A 170 -0.48 -27.98 10.04
C ARG A 170 0.51 -28.33 8.93
N SER A 171 -0.04 -28.56 7.73
CA SER A 171 0.72 -28.92 6.53
C SER A 171 1.79 -27.89 6.18
N LYS A 172 1.41 -26.62 6.24
CA LYS A 172 2.33 -25.51 6.09
C LYS A 172 2.29 -24.70 7.38
N ILE A 173 3.30 -24.89 8.24
CA ILE A 173 3.33 -24.19 9.54
C ILE A 173 3.34 -22.67 9.33
N PHE A 174 4.19 -22.23 8.41
CA PHE A 174 4.11 -20.89 7.86
C PHE A 174 3.48 -20.96 6.48
N ASP A 175 2.39 -20.25 6.32
CA ASP A 175 1.65 -20.20 5.08
C ASP A 175 1.76 -18.81 4.48
N LYS A 176 2.50 -18.69 3.38
CA LYS A 176 2.68 -17.39 2.73
C LYS A 176 1.36 -16.74 2.27
N ASP A 177 0.31 -17.54 2.09
CA ASP A 177 -1.01 -17.05 1.65
C ASP A 177 -1.98 -16.67 2.79
N SER A 178 -1.62 -16.92 4.03
CA SER A 178 -2.39 -16.48 5.19
C SER A 178 -2.30 -14.97 5.32
N THR A 179 -3.16 -14.37 6.15
CA THR A 179 -3.04 -12.93 6.44
C THR A 179 -1.71 -12.59 7.11
N PHE A 180 -1.25 -13.44 8.02
CA PHE A 180 0.08 -13.24 8.57
C PHE A 180 1.12 -13.17 7.48
N GLY A 181 1.07 -14.13 6.57
CA GLY A 181 2.12 -14.29 5.56
C GLY A 181 2.07 -13.28 4.44
N SER A 182 0.87 -12.86 4.07
CA SER A 182 0.66 -11.97 2.92
C SER A 182 0.54 -10.48 3.28
N VAL A 183 0.21 -10.18 4.52
CA VAL A 183 0.00 -8.80 4.96
C VAL A 183 0.94 -8.45 6.10
N GLU A 184 0.86 -9.19 7.21
CA GLU A 184 1.54 -8.74 8.42
C GLU A 184 3.07 -8.78 8.29
N VAL A 185 3.62 -9.86 7.72
CA VAL A 185 5.05 -10.01 7.57
C VAL A 185 5.67 -8.85 6.76
N HIS A 186 4.91 -8.34 5.80
CA HIS A 186 5.42 -7.32 4.88
C HIS A 186 5.17 -5.90 5.37
N ASN A 187 4.44 -5.76 6.48
CA ASN A 187 4.16 -4.45 7.05
C ASN A 187 4.80 -4.17 8.41
N LEU A 188 5.57 -5.12 8.92
CA LEU A 188 6.48 -4.89 10.04
C LEU A 188 7.51 -3.87 9.56
N GLN A 189 7.79 -2.85 10.36
CA GLN A 189 8.70 -1.78 9.93
C GLN A 189 10.13 -2.10 10.35
N PRO A 190 11.02 -2.32 9.37
CA PRO A 190 12.41 -2.68 9.70
C PRO A 190 13.15 -1.67 10.54
N GLU A 191 12.74 -0.40 10.51
CA GLU A 191 13.36 0.64 11.28
C GLU A 191 13.12 0.48 12.78
N LYS A 192 12.01 -0.17 13.13
CA LYS A 192 11.51 -0.26 14.51
C LYS A 192 11.60 -1.70 15.05
N VAL A 193 11.40 -2.69 14.19
CA VAL A 193 11.32 -4.09 14.63
C VAL A 193 12.70 -4.72 14.56
N GLN A 194 13.19 -5.15 15.72
CA GLN A 194 14.47 -5.83 15.80
C GLN A 194 14.39 -7.29 15.38
N THR A 195 13.40 -7.99 15.93
CA THR A 195 13.29 -9.43 15.80
C THR A 195 11.85 -9.85 15.65
N LEU A 196 11.61 -10.82 14.77
CA LEU A 196 10.37 -11.60 14.76
C LEU A 196 10.71 -12.97 15.36
N GLU A 197 10.03 -13.28 16.45
CA GLU A 197 10.23 -14.56 17.13
C GLU A 197 8.98 -15.40 16.95
N ALA A 198 9.15 -16.57 16.34
CA ALA A 198 8.07 -17.51 16.14
C ALA A 198 8.03 -18.52 17.29
N TRP A 199 6.81 -18.78 17.78
CA TRP A 199 6.56 -19.85 18.72
C TRP A 199 5.79 -20.91 17.98
N VAL A 200 6.43 -22.05 17.74
CA VAL A 200 5.79 -23.13 16.97
C VAL A 200 5.16 -24.12 17.91
N ILE A 201 3.82 -24.12 17.94
CA ILE A 201 3.06 -24.90 18.92
C ILE A 201 2.89 -26.32 18.40
N HIS A 202 3.44 -27.30 19.12
CA HIS A 202 3.33 -28.70 18.71
C HIS A 202 1.93 -29.28 18.93
N GLY A 203 1.58 -30.24 18.09
CA GLY A 203 0.36 -31.01 18.28
C GLY A 203 0.54 -32.03 19.39
N GLY A 204 -0.53 -32.77 19.67
CA GLY A 204 -0.55 -33.73 20.77
C GLY A 204 0.55 -34.78 20.76
N ARG A 205 1.35 -34.79 21.82
CA ARG A 205 2.36 -35.83 22.09
C ARG A 205 3.54 -35.93 21.11
N GLU A 206 3.50 -35.20 19.99
CA GLU A 206 4.66 -35.13 19.11
C GLU A 206 5.58 -34.05 19.66
N ASP A 207 6.51 -34.46 20.52
CA ASP A 207 7.27 -33.51 21.35
C ASP A 207 8.77 -33.54 21.10
N SER A 208 9.19 -34.01 19.93
CA SER A 208 10.61 -34.23 19.64
C SER A 208 11.13 -33.50 18.41
N ARG A 209 10.35 -33.49 17.33
CA ARG A 209 10.72 -32.80 16.09
C ARG A 209 11.11 -31.36 16.35
N ASP A 210 12.26 -30.93 15.85
CA ASP A 210 12.57 -29.51 15.87
C ASP A 210 11.89 -28.86 14.68
N LEU A 211 10.70 -28.33 14.91
CA LEU A 211 9.93 -27.69 13.84
C LEU A 211 10.48 -26.36 13.39
N CYS A 212 11.45 -25.80 14.12
CA CYS A 212 12.15 -24.61 13.67
C CYS A 212 13.03 -24.89 12.45
N GLN A 213 13.24 -26.17 12.12
CA GLN A 213 13.93 -26.58 10.90
C GLN A 213 12.97 -26.95 9.77
N ASP A 214 11.66 -26.80 9.98
CA ASP A 214 10.68 -27.08 8.93
C ASP A 214 10.95 -26.15 7.74
N PRO A 215 10.76 -26.66 6.50
CA PRO A 215 11.02 -25.88 5.30
C PRO A 215 10.27 -24.56 5.26
N THR A 216 9.02 -24.54 5.71
CA THR A 216 8.25 -23.28 5.66
C THR A 216 8.74 -22.27 6.71
N ILE A 217 9.26 -22.77 7.83
CA ILE A 217 9.90 -21.89 8.81
C ILE A 217 11.20 -21.32 8.24
N LYS A 218 11.96 -22.13 7.50
CA LYS A 218 13.18 -21.62 6.86
C LYS A 218 12.82 -20.55 5.82
N GLU A 219 11.69 -20.72 5.15
CA GLU A 219 11.18 -19.73 4.21
C GLU A 219 10.85 -18.42 4.93
N LEU A 220 10.12 -18.51 6.03
CA LEU A 220 9.79 -17.33 6.83
C LEU A 220 11.06 -16.65 7.30
N GLU A 221 12.01 -17.44 7.79
CA GLU A 221 13.29 -16.89 8.22
C GLU A 221 13.96 -16.11 7.09
N SER A 222 13.95 -16.67 5.88
CA SER A 222 14.61 -16.04 4.77
C SER A 222 13.91 -14.73 4.39
N ILE A 223 12.58 -14.75 4.36
CA ILE A 223 11.80 -13.55 4.03
C ILE A 223 12.09 -12.42 5.04
N ILE A 224 11.99 -12.75 6.32
CA ILE A 224 12.20 -11.75 7.38
C ILE A 224 13.64 -11.22 7.37
N SER A 225 14.61 -12.10 7.25
CA SER A 225 16.01 -11.71 7.21
C SER A 225 16.30 -10.73 6.10
N LYS A 226 15.69 -10.96 4.92
CA LYS A 226 15.93 -10.10 3.77
C LYS A 226 15.21 -8.75 3.88
N ARG A 227 14.35 -8.61 4.90
CA ARG A 227 13.77 -7.32 5.24
C ARG A 227 14.63 -6.59 6.29
N ASN A 228 15.77 -7.17 6.68
CA ASN A 228 16.67 -6.60 7.70
C ASN A 228 16.06 -6.61 9.10
N ILE A 229 15.35 -7.70 9.38
CA ILE A 229 14.80 -8.00 10.69
C ILE A 229 15.37 -9.36 11.07
N GLN A 230 15.76 -9.52 12.33
CA GLN A 230 16.28 -10.79 12.79
C GLN A 230 15.15 -11.79 13.00
N PHE A 231 15.43 -13.07 12.83
CA PHE A 231 14.46 -14.11 13.08
C PHE A 231 14.90 -15.05 14.19
N SER A 232 13.97 -15.41 15.05
CA SER A 232 14.19 -16.37 16.14
C SER A 232 13.01 -17.32 16.14
N CYS A 233 13.21 -18.54 16.62
CA CYS A 233 12.15 -19.53 16.63
C CYS A 233 12.31 -20.42 17.85
N LYS A 234 11.20 -20.73 18.48
CA LYS A 234 11.18 -21.64 19.63
C LYS A 234 10.08 -22.65 19.42
N ASN A 235 10.37 -23.89 19.79
CA ASN A 235 9.36 -24.93 19.84
C ASN A 235 8.61 -24.83 21.16
N ILE A 236 7.30 -24.94 21.10
CA ILE A 236 6.52 -25.22 22.30
C ILE A 236 6.18 -26.70 22.14
N TYR A 237 7.08 -27.57 22.64
CA TYR A 237 7.00 -29.02 22.42
C TYR A 237 5.78 -29.63 23.08
N ARG A 238 5.42 -29.10 24.25
CA ARG A 238 4.34 -29.65 25.04
C ARG A 238 3.44 -28.51 25.50
N PRO A 239 2.38 -28.21 24.72
CA PRO A 239 1.47 -27.08 24.93
C PRO A 239 0.77 -26.99 26.28
N ASP A 240 0.49 -28.14 26.89
CA ASP A 240 -0.17 -28.19 28.19
C ASP A 240 0.72 -27.63 29.29
N LYS A 241 2.02 -27.94 29.20
CA LYS A 241 3.00 -27.41 30.14
C LYS A 241 3.12 -25.90 29.93
N PHE A 242 3.15 -25.46 28.67
CA PHE A 242 3.16 -24.02 28.35
C PHE A 242 1.97 -23.30 28.99
N LEU A 243 0.79 -23.89 28.86
CA LEU A 243 -0.43 -23.33 29.44
C LEU A 243 -0.38 -23.36 30.97
N GLN A 244 0.05 -24.48 31.53
CA GLN A 244 0.28 -24.56 32.98
C GLN A 244 1.11 -23.37 33.43
N CYS A 245 2.21 -23.11 32.73
CA CYS A 245 3.20 -22.13 33.17
C CYS A 245 2.82 -20.66 32.93
N VAL A 246 2.08 -20.39 31.86
CA VAL A 246 1.59 -19.01 31.65
C VAL A 246 0.57 -18.68 32.74
N LYS A 247 -0.35 -19.60 33.00
CA LYS A 247 -1.41 -19.41 34.00
C LYS A 247 -0.89 -19.22 35.43
N ASN A 248 0.18 -19.93 35.78
CA ASN A 248 0.82 -19.80 37.10
CA ASN A 248 0.82 -19.79 37.09
C ASN A 248 2.34 -19.82 36.94
N PRO A 249 2.95 -18.66 36.61
CA PRO A 249 4.39 -18.64 36.37
C PRO A 249 5.27 -18.77 37.61
N GLU A 250 4.68 -18.68 38.80
CA GLU A 250 5.41 -18.96 40.04
C GLU A 250 5.50 -20.47 40.31
N ASP A 251 4.79 -21.27 39.54
CA ASP A 251 4.86 -22.73 39.62
C ASP A 251 6.31 -23.18 39.46
N SER A 252 6.86 -23.82 40.50
CA SER A 252 8.28 -24.17 40.51
C SER A 252 8.68 -25.21 39.46
N SER A 253 7.71 -25.79 38.75
CA SER A 253 8.00 -26.67 37.63
C SER A 253 8.31 -25.89 36.34
N CYS A 254 8.06 -24.58 36.36
CA CYS A 254 8.29 -23.72 35.21
C CYS A 254 9.58 -22.93 35.32
N ARG B 3 0.61 -24.87 -11.06
CA ARG B 3 1.07 -24.10 -12.24
C ARG B 3 -0.08 -23.36 -12.94
N TRP B 4 -1.32 -23.70 -12.57
CA TRP B 4 -2.53 -23.00 -13.00
C TRP B 4 -2.82 -21.77 -12.12
N ARG B 5 -2.01 -21.59 -11.09
CA ARG B 5 -2.22 -20.50 -10.12
C ARG B 5 -1.18 -19.42 -10.33
N GLN B 6 -1.62 -18.19 -10.53
CA GLN B 6 -0.70 -17.08 -10.57
C GLN B 6 -0.49 -16.51 -9.16
N THR B 7 0.68 -15.96 -8.92
CA THR B 7 1.01 -15.47 -7.60
C THR B 7 0.35 -14.15 -7.26
N TRP B 8 0.22 -13.27 -8.25
CA TRP B 8 -0.19 -11.89 -8.01
C TRP B 8 -1.38 -11.52 -8.88
N SER B 9 -2.03 -10.41 -8.50
CA SER B 9 -3.21 -9.92 -9.18
C SER B 9 -2.96 -9.01 -10.38
N GLY B 10 -1.79 -8.42 -10.46
CA GLY B 10 -1.50 -7.41 -11.48
C GLY B 10 -0.79 -8.02 -12.67
N PRO B 11 -0.67 -7.24 -13.74
CA PRO B 11 0.04 -7.73 -14.92
C PRO B 11 1.49 -8.10 -14.58
N GLY B 12 2.01 -9.08 -15.32
CA GLY B 12 3.40 -9.51 -15.16
C GLY B 12 4.38 -8.59 -15.85
N THR B 13 5.65 -8.97 -15.76
CA THR B 13 6.71 -8.16 -16.37
C THR B 13 6.49 -8.06 -17.87
N THR B 14 6.63 -6.85 -18.41
CA THR B 14 6.53 -6.63 -19.83
C THR B 14 7.44 -7.56 -20.65
N LYS B 15 6.91 -8.11 -21.72
CA LYS B 15 7.71 -9.05 -22.51
C LYS B 15 9.01 -8.35 -22.98
N ARG B 16 10.12 -9.09 -22.93
CA ARG B 16 11.44 -8.60 -23.33
C ARG B 16 11.88 -7.36 -22.55
N PHE B 17 11.47 -7.29 -21.27
CA PHE B 17 11.79 -6.16 -20.42
C PHE B 17 13.28 -5.81 -20.41
N PRO B 18 14.19 -6.78 -20.19
CA PRO B 18 15.62 -6.45 -20.18
C PRO B 18 16.10 -5.83 -21.48
N GLU B 19 15.75 -6.44 -22.60
CA GLU B 19 16.09 -5.91 -23.90
C GLU B 19 15.51 -4.52 -24.14
N THR B 20 14.29 -4.31 -23.69
CA THR B 20 13.61 -3.02 -23.89
C THR B 20 14.25 -1.90 -23.08
N VAL B 21 14.59 -2.17 -21.82
CA VAL B 21 15.25 -1.17 -20.97
C VAL B 21 16.60 -0.81 -21.57
N LEU B 22 17.36 -1.82 -21.97
CA LEU B 22 18.67 -1.56 -22.57
C LEU B 22 18.54 -0.73 -23.84
N ALA B 23 17.60 -1.11 -24.72
CA ALA B 23 17.37 -0.38 -25.97
C ALA B 23 16.91 1.05 -25.73
N ARG B 24 16.08 1.26 -24.71
CA ARG B 24 15.62 2.62 -24.37
C ARG B 24 16.77 3.50 -23.87
N CYS B 25 17.64 2.90 -23.07
CA CYS B 25 18.79 3.60 -22.57
C CYS B 25 19.70 4.03 -23.72
N VAL B 26 20.00 3.13 -24.65
CA VAL B 26 20.81 3.49 -25.80
C VAL B 26 20.15 4.60 -26.62
N LYS B 27 18.85 4.49 -26.86
CA LYS B 27 18.13 5.51 -27.64
C LYS B 27 18.14 6.85 -26.91
N TYR B 28 17.86 6.82 -25.60
CA TYR B 28 17.85 8.06 -24.83
C TYR B 28 19.17 8.81 -24.95
N THR B 29 20.28 8.07 -24.86
CA THR B 29 21.61 8.68 -24.93
C THR B 29 21.93 9.22 -26.34
N GLU B 30 21.19 8.75 -27.34
CA GLU B 30 21.34 9.27 -28.70
C GLU B 30 20.56 10.58 -28.91
N ILE B 31 19.34 10.62 -28.37
CA ILE B 31 18.50 11.82 -28.43
C ILE B 31 19.06 12.92 -27.51
N HIS B 32 19.58 12.54 -26.35
CA HIS B 32 20.11 13.46 -25.36
C HIS B 32 21.60 13.20 -25.15
N PRO B 33 22.44 13.76 -26.01
CA PRO B 33 23.88 13.47 -25.91
C PRO B 33 24.52 13.90 -24.58
N GLU B 34 23.86 14.78 -23.82
CA GLU B 34 24.35 15.17 -22.50
C GLU B 34 24.19 14.10 -21.40
N MET B 35 23.55 12.97 -21.73
CA MET B 35 23.49 11.82 -20.84
C MET B 35 24.28 10.64 -21.39
N ARG B 36 25.02 10.89 -22.45
CA ARG B 36 25.81 9.89 -23.16
C ARG B 36 26.92 9.24 -22.30
N HIS B 37 27.33 9.92 -21.23
CA HIS B 37 28.31 9.36 -20.27
C HIS B 37 27.81 8.10 -19.55
N VAL B 38 26.50 7.88 -19.56
CA VAL B 38 25.91 6.72 -18.92
C VAL B 38 26.34 5.42 -19.61
N ASP B 39 26.69 4.41 -18.80
CA ASP B 39 26.98 3.06 -19.29
C ASP B 39 25.67 2.29 -19.21
N CYS B 40 25.05 2.05 -20.35
CA CYS B 40 23.70 1.48 -20.36
C CYS B 40 23.65 0.08 -19.75
N GLN B 41 24.68 -0.72 -19.94
CA GLN B 41 24.76 -2.02 -19.29
C GLN B 41 24.80 -1.89 -17.77
N SER B 42 25.57 -0.93 -17.25
CA SER B 42 25.62 -0.70 -15.80
C SER B 42 24.30 -0.23 -15.27
N VAL B 43 23.62 0.64 -16.03
CA VAL B 43 22.28 1.09 -15.67
C VAL B 43 21.32 -0.11 -15.55
N TRP B 44 21.35 -1.01 -16.52
CA TRP B 44 20.49 -2.20 -16.45
C TRP B 44 20.85 -3.06 -15.27
N ASP B 45 22.14 -3.24 -15.04
CA ASP B 45 22.60 -4.04 -13.90
C ASP B 45 22.09 -3.47 -12.57
N ALA B 46 22.14 -2.15 -12.41
CA ALA B 46 21.61 -1.48 -11.21
C ALA B 46 20.10 -1.61 -11.08
N PHE B 47 19.40 -1.48 -12.20
CA PHE B 47 17.93 -1.62 -12.25
C PHE B 47 17.55 -3.06 -11.80
N LYS B 48 18.10 -4.07 -12.48
CA LYS B 48 17.92 -5.48 -12.10
C LYS B 48 18.14 -5.69 -10.63
N GLY B 49 19.28 -5.17 -10.16
CA GLY B 49 19.72 -5.37 -8.79
C GLY B 49 18.75 -4.84 -7.75
N ALA B 50 17.97 -3.83 -8.10
CA ALA B 50 16.98 -3.27 -7.18
C ALA B 50 15.88 -4.27 -6.82
N PHE B 51 15.55 -5.19 -7.73
CA PHE B 51 14.40 -6.08 -7.51
C PHE B 51 14.60 -7.58 -7.72
N ILE B 52 15.60 -8.00 -8.50
CA ILE B 52 15.78 -9.43 -8.71
C ILE B 52 16.11 -10.14 -7.39
N SER B 53 15.46 -11.28 -7.19
CA SER B 53 15.64 -12.14 -6.03
C SER B 53 15.00 -11.60 -4.76
N LYS B 54 14.38 -10.43 -4.84
CA LYS B 54 13.73 -9.82 -3.66
C LYS B 54 12.26 -10.15 -3.67
N HIS B 55 11.69 -10.29 -2.48
CA HIS B 55 10.27 -10.49 -2.40
C HIS B 55 9.59 -9.22 -2.94
N PRO B 56 8.69 -9.36 -3.93
CA PRO B 56 8.13 -8.16 -4.56
C PRO B 56 7.13 -7.34 -3.72
N CYS B 57 6.95 -7.68 -2.45
CA CYS B 57 6.23 -6.81 -1.53
C CYS B 57 7.14 -6.14 -0.51
N ASP B 58 8.45 -6.35 -0.65
CA ASP B 58 9.44 -5.88 0.30
C ASP B 58 10.45 -4.93 -0.28
N ILE B 59 10.10 -4.27 -1.38
CA ILE B 59 11.05 -3.38 -2.06
C ILE B 59 11.12 -2.05 -1.31
N THR B 60 12.31 -1.46 -1.25
CA THR B 60 12.51 -0.21 -0.52
C THR B 60 13.10 0.81 -1.47
N GLU B 61 13.02 2.08 -1.09
CA GLU B 61 13.65 3.13 -1.92
C GLU B 61 15.16 2.95 -1.99
N GLU B 62 15.73 2.44 -0.90
CA GLU B 62 17.15 2.15 -0.82
CA GLU B 62 17.18 2.18 -0.85
C GLU B 62 17.60 1.13 -1.88
N ASP B 63 16.74 0.18 -2.20
CA ASP B 63 17.04 -0.80 -3.25
C ASP B 63 17.32 -0.12 -4.60
N TYR B 64 16.72 1.03 -4.83
CA TYR B 64 16.88 1.75 -6.10
C TYR B 64 17.97 2.81 -6.08
N GLN B 65 18.67 2.96 -4.96
CA GLN B 65 19.66 4.02 -4.85
C GLN B 65 20.80 3.86 -5.87
N PRO B 66 21.31 2.63 -6.08
CA PRO B 66 22.35 2.50 -7.13
C PRO B 66 21.89 2.96 -8.51
N LEU B 67 20.65 2.65 -8.88
CA LEU B 67 20.09 3.12 -10.14
C LEU B 67 19.93 4.65 -10.16
N MET B 68 19.43 5.20 -9.06
CA MET B 68 19.26 6.65 -8.95
C MET B 68 20.59 7.37 -9.14
N LYS B 69 21.65 6.81 -8.55
CA LYS B 69 22.98 7.37 -8.68
C LYS B 69 23.47 7.37 -10.14
N LEU B 70 23.32 6.24 -10.82
CA LEU B 70 23.75 6.14 -12.22
C LEU B 70 22.90 7.01 -13.14
N GLY B 71 21.62 7.17 -12.78
CA GLY B 71 20.71 8.01 -13.57
C GLY B 71 20.64 9.46 -13.16
N THR B 72 21.56 9.90 -12.29
CA THR B 72 21.65 11.32 -11.91
C THR B 72 21.62 12.21 -13.14
N GLN B 73 20.74 13.20 -13.12
CA GLN B 73 20.52 14.05 -14.28
C GLN B 73 19.98 15.37 -13.80
N THR B 74 20.60 16.44 -14.27
CA THR B 74 20.16 17.78 -14.00
C THR B 74 19.41 18.26 -15.23
N VAL B 75 18.11 18.47 -15.09
CA VAL B 75 17.33 19.16 -16.11
C VAL B 75 17.06 20.56 -15.58
N PRO B 76 16.74 21.52 -16.46
CA PRO B 76 16.54 22.87 -15.91
C PRO B 76 15.42 22.86 -14.88
N CYS B 77 15.76 23.20 -13.64
CA CYS B 77 14.81 23.06 -12.52
C CYS B 77 13.60 23.95 -12.66
N ASN B 78 13.73 25.00 -13.45
CA ASN B 78 12.64 25.95 -13.70
C ASN B 78 11.72 25.55 -14.87
N LYS B 79 11.94 24.39 -15.46
CA LYS B 79 11.19 23.96 -16.66
C LYS B 79 10.47 22.63 -16.48
N ILE B 80 10.00 22.36 -15.25
CA ILE B 80 9.37 21.10 -14.94
C ILE B 80 7.84 21.15 -15.13
N LEU B 81 7.34 20.12 -15.80
CA LEU B 81 5.92 19.89 -15.97
C LEU B 81 5.53 18.61 -15.24
N LEU B 82 4.80 18.76 -14.15
CA LEU B 82 4.17 17.66 -13.48
C LEU B 82 2.83 17.38 -14.16
N TRP B 83 2.29 16.21 -13.93
CA TRP B 83 0.95 15.88 -14.43
C TRP B 83 0.30 14.86 -13.52
N SER B 84 -1.02 14.80 -13.57
CA SER B 84 -1.74 13.79 -12.83
C SER B 84 -2.87 13.22 -13.70
N ARG B 85 -2.76 11.92 -14.00
CA ARG B 85 -3.73 11.16 -14.80
C ARG B 85 -3.70 11.41 -16.31
N ILE B 86 -3.22 12.57 -16.74
CA ILE B 86 -3.35 13.02 -18.12
C ILE B 86 -1.99 12.98 -18.81
N LYS B 87 -1.39 11.80 -18.77
CA LYS B 87 0.00 11.61 -19.22
C LYS B 87 0.18 11.92 -20.70
N ASP B 88 -0.75 11.48 -21.53
CA ASP B 88 -0.61 11.62 -22.98
C ASP B 88 -0.50 13.08 -23.44
N LEU B 89 -1.39 13.94 -22.96
CA LEU B 89 -1.32 15.36 -23.31
C LEU B 89 -0.05 16.03 -22.77
N ALA B 90 0.39 15.66 -21.57
CA ALA B 90 1.61 16.23 -21.02
C ALA B 90 2.81 15.84 -21.88
N HIS B 91 2.85 14.61 -22.35
CA HIS B 91 3.93 14.14 -23.20
C HIS B 91 3.88 14.79 -24.59
N GLN B 92 2.67 14.90 -25.14
CA GLN B 92 2.51 15.59 -26.44
C GLN B 92 2.99 17.04 -26.35
N PHE B 93 2.73 17.68 -25.22
CA PHE B 93 3.18 19.05 -24.98
C PHE B 93 4.70 19.18 -24.98
N THR B 94 5.39 18.33 -24.22
CA THR B 94 6.86 18.42 -24.14
C THR B 94 7.56 17.92 -25.43
N GLN B 95 6.85 17.16 -26.27
CA GLN B 95 7.40 16.75 -27.56
C GLN B 95 7.46 17.93 -28.53
N VAL B 96 6.55 18.88 -28.35
CA VAL B 96 6.55 20.11 -29.16
C VAL B 96 7.30 21.25 -28.45
N GLN B 97 7.08 21.39 -27.15
CA GLN B 97 7.72 22.42 -26.35
C GLN B 97 8.91 21.78 -25.65
N ARG B 98 10.02 21.66 -26.39
CA ARG B 98 11.10 20.73 -26.02
C ARG B 98 12.07 21.23 -24.94
N ASP B 99 11.83 22.44 -24.41
CA ASP B 99 12.62 22.92 -23.27
C ASP B 99 11.94 22.59 -21.93
N MET B 100 10.74 22.03 -22.00
CA MET B 100 10.00 21.58 -20.81
C MET B 100 10.17 20.07 -20.63
N PHE B 101 10.20 19.62 -19.37
CA PHE B 101 10.47 18.21 -19.02
C PHE B 101 9.40 17.66 -18.09
N THR B 102 8.75 16.57 -18.50
CA THR B 102 8.05 15.69 -17.55
C THR B 102 9.01 14.66 -17.00
N LEU B 103 8.58 13.92 -15.99
CA LEU B 103 9.43 12.90 -15.41
C LEU B 103 9.85 11.89 -16.48
N GLU B 104 8.97 11.62 -17.44
CA GLU B 104 9.25 10.61 -18.45
C GLU B 104 10.17 11.10 -19.55
N ASP B 105 10.58 12.37 -19.48
CA ASP B 105 11.55 12.97 -20.39
C ASP B 105 12.97 12.91 -19.80
N THR B 106 13.07 12.49 -18.54
CA THR B 106 14.36 12.17 -17.91
C THR B 106 14.76 10.75 -18.28
N LEU B 107 16.05 10.44 -18.18
CA LEU B 107 16.51 9.10 -18.51
C LEU B 107 15.73 8.05 -17.73
N LEU B 108 15.69 8.16 -16.40
CA LEU B 108 15.05 7.11 -15.59
C LEU B 108 13.55 6.97 -15.89
N GLY B 109 12.86 8.09 -16.06
CA GLY B 109 11.42 8.05 -16.37
C GLY B 109 11.17 7.42 -17.73
N TYR B 110 12.03 7.75 -18.69
CA TYR B 110 11.92 7.25 -20.05
C TYR B 110 12.14 5.73 -20.10
N LEU B 111 13.09 5.24 -19.32
CA LEU B 111 13.38 3.83 -19.29
C LEU B 111 12.15 3.03 -18.86
N ALA B 112 11.44 3.56 -17.87
CA ALA B 112 10.40 2.75 -17.16
C ALA B 112 8.98 2.98 -17.66
N ASP B 113 8.77 4.04 -18.41
CA ASP B 113 7.43 4.47 -18.81
C ASP B 113 6.64 3.34 -19.48
N ASP B 114 5.46 3.04 -18.95
CA ASP B 114 4.54 2.06 -19.54
C ASP B 114 4.99 0.61 -19.34
N LEU B 115 6.03 0.41 -18.57
CA LEU B 115 6.52 -0.94 -18.32
C LEU B 115 6.12 -1.43 -16.94
N THR B 116 6.08 -2.77 -16.82
CA THR B 116 5.86 -3.44 -15.54
C THR B 116 7.00 -4.44 -15.33
N TRP B 117 7.39 -4.64 -14.08
CA TRP B 117 8.45 -5.61 -13.78
C TRP B 117 8.36 -6.09 -12.33
N CYS B 118 8.81 -7.31 -12.11
CA CYS B 118 9.01 -7.83 -10.75
C CYS B 118 9.81 -9.11 -10.82
N GLY B 119 10.41 -9.46 -9.69
CA GLY B 119 11.14 -10.70 -9.55
C GLY B 119 10.38 -11.69 -8.72
N GLU B 120 11.10 -12.69 -8.24
CA GLU B 120 10.54 -13.79 -7.47
C GLU B 120 11.47 -13.98 -6.29
N PHE B 121 10.91 -14.18 -5.10
CA PHE B 121 11.72 -14.25 -3.91
C PHE B 121 12.73 -15.40 -4.00
N ASP B 122 14.01 -15.07 -3.77
CA ASP B 122 15.08 -16.07 -3.66
C ASP B 122 15.34 -16.83 -4.95
N THR B 123 14.84 -16.35 -6.10
CA THR B 123 15.28 -16.87 -7.40
C THR B 123 15.89 -15.76 -8.23
N SER B 124 16.56 -16.14 -9.31
CA SER B 124 17.16 -15.20 -10.21
C SER B 124 16.19 -14.73 -11.30
N LYS B 125 14.95 -15.23 -11.28
CA LYS B 125 14.05 -15.08 -12.43
C LYS B 125 13.16 -13.85 -12.37
N ILE B 126 12.87 -13.32 -13.55
CA ILE B 126 11.88 -12.27 -13.72
C ILE B 126 10.51 -12.92 -13.86
N ASN B 127 9.49 -12.37 -13.18
CA ASN B 127 8.16 -12.95 -13.26
C ASN B 127 7.39 -12.32 -14.44
N TYR B 128 7.24 -13.08 -15.50
CA TYR B 128 6.53 -12.61 -16.69
C TYR B 128 5.04 -12.99 -16.68
N GLN B 129 4.57 -13.61 -15.61
CA GLN B 129 3.16 -14.03 -15.50
C GLN B 129 2.31 -13.01 -14.75
N SER B 130 2.79 -12.53 -13.61
CA SER B 130 2.06 -11.60 -12.76
C SER B 130 2.99 -10.85 -11.81
N CYS B 131 2.55 -9.66 -11.40
CA CYS B 131 3.28 -8.82 -10.45
C CYS B 131 2.28 -8.20 -9.53
N PRO B 132 2.72 -7.77 -8.35
CA PRO B 132 1.76 -7.28 -7.37
C PRO B 132 0.97 -6.08 -7.86
N ASP B 133 -0.33 -6.10 -7.61
CA ASP B 133 -1.18 -4.93 -7.80
C ASP B 133 -1.07 -4.12 -6.52
N TRP B 134 -0.88 -2.82 -6.68
CA TRP B 134 -0.64 -1.92 -5.56
C TRP B 134 -1.76 -1.95 -4.51
N ARG B 135 -2.99 -2.07 -4.98
CA ARG B 135 -4.15 -2.05 -4.11
C ARG B 135 -4.51 -3.43 -3.54
N LYS B 136 -4.54 -4.43 -4.42
CA LYS B 136 -5.01 -5.77 -4.07
C LYS B 136 -3.97 -6.64 -3.38
N ASP B 137 -2.70 -6.39 -3.69
CA ASP B 137 -1.61 -7.22 -3.16
C ASP B 137 -0.77 -6.45 -2.15
N CYS B 138 0.06 -5.52 -2.61
CA CYS B 138 0.98 -4.83 -1.73
C CYS B 138 1.53 -3.59 -2.38
N SER B 139 1.71 -2.53 -1.59
CA SER B 139 2.17 -1.25 -2.10
C SER B 139 3.68 -1.16 -2.34
N ASN B 140 4.48 -1.94 -1.61
CA ASN B 140 5.94 -1.83 -1.76
C ASN B 140 6.48 -2.81 -2.78
N ASN B 141 5.95 -2.70 -3.99
CA ASN B 141 6.31 -3.57 -5.10
C ASN B 141 7.33 -2.85 -6.01
N PRO B 142 8.00 -3.60 -6.88
CA PRO B 142 9.09 -3.00 -7.64
C PRO B 142 8.66 -1.77 -8.45
N VAL B 143 7.51 -1.82 -9.08
CA VAL B 143 7.07 -0.69 -9.93
C VAL B 143 6.69 0.51 -9.07
N SER B 144 5.84 0.29 -8.08
CA SER B 144 5.34 1.39 -7.24
C SER B 144 6.48 2.10 -6.49
N VAL B 145 7.43 1.33 -5.98
CA VAL B 145 8.52 1.92 -5.22
C VAL B 145 9.45 2.70 -6.15
N PHE B 146 9.65 2.19 -7.37
CA PHE B 146 10.47 2.90 -8.37
C PHE B 146 9.86 4.28 -8.59
N TRP B 147 8.55 4.33 -8.88
CA TRP B 147 7.97 5.60 -9.23
C TRP B 147 7.94 6.56 -8.03
N LYS B 148 7.69 6.04 -6.83
CA LYS B 148 7.77 6.85 -5.63
C LYS B 148 9.15 7.49 -5.49
N THR B 149 10.19 6.69 -5.67
CA THR B 149 11.55 7.15 -5.45
C THR B 149 11.97 8.21 -6.47
N VAL B 150 11.68 7.97 -7.73
CA VAL B 150 12.09 8.92 -8.79
C VAL B 150 11.22 10.19 -8.78
N SER B 151 9.94 10.04 -8.42
CA SER B 151 9.01 11.16 -8.37
C SER B 151 9.40 12.10 -7.24
N ARG B 152 9.82 11.52 -6.11
CA ARG B 152 10.26 12.32 -4.96
C ARG B 152 11.47 13.17 -5.34
N ARG B 153 12.46 12.54 -5.95
CA ARG B 153 13.70 13.22 -6.34
C ARG B 153 13.42 14.31 -7.39
N PHE B 154 12.54 14.02 -8.33
CA PHE B 154 12.15 14.97 -9.38
C PHE B 154 11.49 16.18 -8.75
N ALA B 155 10.55 15.95 -7.85
CA ALA B 155 9.85 17.02 -7.17
C ALA B 155 10.81 17.88 -6.32
N GLU B 156 11.77 17.23 -5.65
CA GLU B 156 12.72 17.92 -4.77
C GLU B 156 13.70 18.80 -5.54
N ALA B 157 13.91 18.47 -6.81
CA ALA B 157 14.81 19.21 -7.69
C ALA B 157 14.13 20.43 -8.31
N ALA B 158 12.80 20.44 -8.34
CA ALA B 158 12.06 21.53 -8.97
C ALA B 158 12.29 22.89 -8.31
N CYS B 159 12.28 23.94 -9.13
CA CYS B 159 12.46 25.30 -8.63
C CYS B 159 11.63 26.30 -9.41
N ASP B 160 11.56 27.51 -8.87
CA ASP B 160 10.89 28.62 -9.52
C ASP B 160 9.39 28.36 -9.74
N VAL B 161 8.93 28.35 -10.99
CA VAL B 161 7.54 28.06 -11.28
C VAL B 161 7.45 26.63 -11.79
N VAL B 162 6.69 25.82 -11.08
CA VAL B 162 6.43 24.45 -11.47
C VAL B 162 5.02 24.40 -12.02
N HIS B 163 4.83 23.77 -13.18
CA HIS B 163 3.51 23.64 -13.76
C HIS B 163 2.99 22.21 -13.55
N VAL B 164 1.67 22.07 -13.41
CA VAL B 164 1.05 20.76 -13.34
C VAL B 164 -0.20 20.70 -14.21
N MET B 165 -0.24 19.70 -15.10
CA MET B 165 -1.42 19.43 -15.91
C MET B 165 -2.34 18.49 -15.12
N LEU B 166 -3.61 18.86 -15.02
CA LEU B 166 -4.62 18.05 -14.36
C LEU B 166 -5.79 17.75 -15.32
N ASP B 167 -6.41 16.60 -15.15
CA ASP B 167 -7.51 16.17 -16.00
C ASP B 167 -8.82 16.69 -15.41
N GLY B 168 -9.38 17.71 -16.05
CA GLY B 168 -10.63 18.31 -15.60
C GLY B 168 -11.86 17.46 -15.85
N SER B 169 -11.72 16.35 -16.56
CA SER B 169 -12.83 15.46 -16.86
C SER B 169 -12.97 14.30 -15.86
N ARG B 170 -12.10 14.27 -14.85
CA ARG B 170 -12.18 13.25 -13.80
C ARG B 170 -12.98 13.75 -12.60
N SER B 171 -13.54 12.80 -11.86
CA SER B 171 -14.35 13.10 -10.68
C SER B 171 -13.53 13.86 -9.64
N LYS B 172 -12.30 13.41 -9.45
CA LYS B 172 -11.35 14.08 -8.56
C LYS B 172 -10.23 14.68 -9.41
N ILE B 173 -10.34 15.97 -9.70
CA ILE B 173 -9.36 16.63 -10.57
C ILE B 173 -7.99 16.63 -9.91
N PHE B 174 -7.97 16.94 -8.62
CA PHE B 174 -6.81 16.68 -7.78
C PHE B 174 -7.18 15.56 -6.83
N ASP B 175 -6.45 14.46 -6.93
CA ASP B 175 -6.64 13.31 -6.05
C ASP B 175 -5.43 13.24 -5.13
N LYS B 176 -5.65 13.48 -3.84
CA LYS B 176 -4.50 13.54 -2.92
C LYS B 176 -3.86 12.17 -2.68
N ASP B 177 -4.51 11.12 -3.15
CA ASP B 177 -3.98 9.75 -3.11
C ASP B 177 -3.18 9.37 -4.35
N SER B 178 -3.19 10.21 -5.39
CA SER B 178 -2.35 9.99 -6.57
C SER B 178 -0.89 10.18 -6.19
N THR B 179 0.02 9.84 -7.09
CA THR B 179 1.45 10.05 -6.83
C THR B 179 1.76 11.52 -6.82
N PHE B 180 1.09 12.27 -7.70
CA PHE B 180 1.19 13.72 -7.67
C PHE B 180 0.79 14.23 -6.30
N GLY B 181 -0.34 13.77 -5.80
CA GLY B 181 -0.89 14.26 -4.54
C GLY B 181 -0.14 13.85 -3.29
N SER B 182 0.34 12.61 -3.26
CA SER B 182 0.91 12.01 -2.06
C SER B 182 2.44 12.07 -1.98
N VAL B 183 3.11 12.20 -3.12
CA VAL B 183 4.56 12.23 -3.16
C VAL B 183 5.10 13.55 -3.70
N GLU B 184 4.60 13.96 -4.86
CA GLU B 184 5.17 15.12 -5.55
C GLU B 184 4.86 16.46 -4.88
N VAL B 185 3.59 16.71 -4.58
CA VAL B 185 3.19 17.98 -3.96
C VAL B 185 3.92 18.24 -2.66
N HIS B 186 4.05 17.21 -1.84
CA HIS B 186 4.65 17.36 -0.53
C HIS B 186 6.17 17.37 -0.54
N ASN B 187 6.77 17.23 -1.73
CA ASN B 187 8.22 17.34 -1.87
C ASN B 187 8.67 18.55 -2.67
N LEU B 188 7.72 19.41 -3.02
CA LEU B 188 8.05 20.73 -3.57
C LEU B 188 8.58 21.55 -2.41
N GLN B 189 9.82 22.04 -2.57
CA GLN B 189 10.53 22.75 -1.50
C GLN B 189 10.29 24.25 -1.60
N PRO B 190 9.77 24.87 -0.51
CA PRO B 190 9.53 26.32 -0.45
C PRO B 190 10.75 27.19 -0.71
N GLU B 191 11.93 26.66 -0.39
CA GLU B 191 13.20 27.40 -0.55
C GLU B 191 13.60 27.48 -2.03
N LYS B 192 13.01 26.61 -2.85
CA LYS B 192 13.32 26.51 -4.28
C LYS B 192 12.15 26.91 -5.15
N VAL B 193 10.95 26.48 -4.77
CA VAL B 193 9.76 26.65 -5.57
C VAL B 193 8.97 27.88 -5.12
N GLN B 194 8.77 28.80 -6.04
CA GLN B 194 8.02 30.02 -5.77
C GLN B 194 6.53 29.86 -6.03
N THR B 195 6.18 29.12 -7.07
CA THR B 195 4.80 29.02 -7.55
C THR B 195 4.52 27.62 -8.11
N LEU B 196 3.37 27.05 -7.75
CA LEU B 196 2.80 25.91 -8.48
C LEU B 196 1.65 26.45 -9.31
N GLU B 197 1.73 26.26 -10.63
CA GLU B 197 0.64 26.67 -11.52
C GLU B 197 -0.01 25.46 -12.13
N ALA B 198 -1.31 25.35 -11.90
CA ALA B 198 -2.09 24.22 -12.39
C ALA B 198 -2.77 24.60 -13.70
N TRP B 199 -2.71 23.69 -14.66
CA TRP B 199 -3.44 23.84 -15.91
C TRP B 199 -4.48 22.76 -15.90
N VAL B 200 -5.74 23.12 -15.77
CA VAL B 200 -6.82 22.13 -15.70
C VAL B 200 -7.40 21.93 -17.11
N ILE B 201 -7.23 20.72 -17.63
CA ILE B 201 -7.60 20.40 -19.00
C ILE B 201 -9.04 19.93 -19.09
N HIS B 202 -9.86 20.69 -19.82
CA HIS B 202 -11.26 20.32 -20.05
C HIS B 202 -11.36 19.31 -21.16
N GLY B 203 -12.40 18.49 -21.13
CA GLY B 203 -12.65 17.49 -22.15
C GLY B 203 -13.90 17.82 -22.97
N GLY B 204 -13.92 17.33 -24.21
CA GLY B 204 -15.08 17.49 -25.09
C GLY B 204 -15.49 18.94 -25.24
N ARG B 205 -16.79 19.19 -25.10
CA ARG B 205 -17.35 20.55 -25.20
C ARG B 205 -17.65 21.15 -23.82
N GLU B 206 -17.09 20.56 -22.78
CA GLU B 206 -17.33 21.04 -21.41
C GLU B 206 -16.42 22.23 -21.12
N ASP B 207 -16.89 23.42 -21.45
CA ASP B 207 -16.15 24.67 -21.25
C ASP B 207 -16.94 25.73 -20.49
N SER B 208 -18.01 25.33 -19.81
CA SER B 208 -18.89 26.27 -19.15
C SER B 208 -18.53 26.59 -17.71
N ARG B 209 -17.57 25.86 -17.14
CA ARG B 209 -17.19 26.05 -15.74
C ARG B 209 -15.72 26.42 -15.55
N ASP B 210 -15.47 27.27 -14.56
CA ASP B 210 -14.10 27.56 -14.12
C ASP B 210 -13.72 26.46 -13.16
N LEU B 211 -12.95 25.48 -13.64
CA LEU B 211 -12.62 24.31 -12.83
C LEU B 211 -11.57 24.63 -11.76
N CYS B 212 -10.98 25.81 -11.83
CA CYS B 212 -10.08 26.26 -10.77
C CYS B 212 -10.83 26.48 -9.46
N GLN B 213 -12.17 26.51 -9.54
CA GLN B 213 -13.04 26.63 -8.37
C GLN B 213 -13.52 25.27 -7.85
N ASP B 214 -13.12 24.19 -8.51
CA ASP B 214 -13.51 22.83 -8.08
C ASP B 214 -12.98 22.61 -6.66
N PRO B 215 -13.77 21.91 -5.81
CA PRO B 215 -13.33 21.73 -4.43
C PRO B 215 -11.95 21.09 -4.27
N THR B 216 -11.59 20.17 -5.16
CA THR B 216 -10.30 19.50 -5.06
C THR B 216 -9.15 20.44 -5.45
N ILE B 217 -9.44 21.42 -6.30
CA ILE B 217 -8.45 22.45 -6.61
C ILE B 217 -8.28 23.40 -5.42
N LYS B 218 -9.38 23.71 -4.73
CA LYS B 218 -9.27 24.50 -3.49
C LYS B 218 -8.47 23.70 -2.46
N GLU B 219 -8.67 22.39 -2.44
CA GLU B 219 -7.92 21.49 -1.57
C GLU B 219 -6.42 21.53 -1.91
N LEU B 220 -6.09 21.43 -3.20
CA LEU B 220 -4.71 21.58 -3.67
C LEU B 220 -4.14 22.94 -3.30
N GLU B 221 -4.95 23.99 -3.49
CA GLU B 221 -4.55 25.35 -3.17
C GLU B 221 -4.14 25.50 -1.71
N SER B 222 -4.90 24.86 -0.82
CA SER B 222 -4.66 24.94 0.62
C SER B 222 -3.37 24.24 1.01
N ILE B 223 -3.17 23.05 0.46
CA ILE B 223 -1.96 22.25 0.69
C ILE B 223 -0.72 23.04 0.28
N ILE B 224 -0.76 23.62 -0.90
CA ILE B 224 0.36 24.39 -1.45
C ILE B 224 0.62 25.66 -0.62
N SER B 225 -0.45 26.36 -0.23
CA SER B 225 -0.32 27.57 0.60
C SER B 225 0.34 27.28 1.95
N LYS B 226 0.02 26.13 2.52
CA LYS B 226 0.60 25.71 3.79
C LYS B 226 2.10 25.41 3.68
N ARG B 227 2.57 25.09 2.47
CA ARG B 227 3.99 24.91 2.19
C ARG B 227 4.69 26.23 1.82
N ASN B 228 3.99 27.35 1.98
CA ASN B 228 4.53 28.69 1.65
C ASN B 228 4.93 28.82 0.19
N ILE B 229 4.09 28.25 -0.68
CA ILE B 229 4.27 28.32 -2.12
C ILE B 229 3.02 28.96 -2.70
N GLN B 230 3.20 29.87 -3.66
CA GLN B 230 2.09 30.54 -4.31
CA GLN B 230 2.06 30.54 -4.30
C GLN B 230 1.36 29.54 -5.21
N PHE B 231 0.03 29.66 -5.29
CA PHE B 231 -0.75 28.81 -6.19
C PHE B 231 -1.35 29.66 -7.30
N SER B 232 -1.31 29.13 -8.52
CA SER B 232 -1.95 29.75 -9.67
C SER B 232 -2.71 28.66 -10.41
N CYS B 233 -3.83 29.03 -11.02
CA CYS B 233 -4.61 28.04 -11.78
C CYS B 233 -5.18 28.63 -13.05
N LYS B 234 -5.07 27.87 -14.13
CA LYS B 234 -5.56 28.25 -15.44
C LYS B 234 -6.45 27.14 -16.00
N ASN B 235 -7.50 27.51 -16.72
CA ASN B 235 -8.33 26.54 -17.45
C ASN B 235 -7.83 26.43 -18.88
N ILE B 236 -7.70 25.20 -19.37
CA ILE B 236 -7.49 24.99 -20.80
C ILE B 236 -8.76 24.40 -21.36
N TYR B 237 -9.60 25.26 -21.92
CA TYR B 237 -10.91 24.85 -22.40
C TYR B 237 -10.79 24.07 -23.70
N ARG B 238 -9.78 24.41 -24.50
CA ARG B 238 -9.58 23.81 -25.82
C ARG B 238 -8.20 23.16 -25.93
N PRO B 239 -8.01 21.97 -25.33
CA PRO B 239 -6.71 21.29 -25.41
C PRO B 239 -6.26 20.98 -26.84
N ASP B 240 -7.22 20.74 -27.75
CA ASP B 240 -6.90 20.53 -29.15
C ASP B 240 -6.23 21.77 -29.75
N LYS B 241 -6.88 22.92 -29.59
CA LYS B 241 -6.34 24.18 -30.13
C LYS B 241 -5.10 24.59 -29.37
N PHE B 242 -5.11 24.34 -28.05
CA PHE B 242 -3.94 24.61 -27.22
C PHE B 242 -2.69 23.96 -27.81
N LEU B 243 -2.77 22.67 -28.09
CA LEU B 243 -1.62 21.93 -28.67
C LEU B 243 -1.20 22.49 -30.02
N GLN B 244 -2.18 22.82 -30.87
CA GLN B 244 -1.91 23.43 -32.18
C GLN B 244 -1.20 24.77 -32.01
N CYS B 245 -1.60 25.51 -30.97
CA CYS B 245 -0.97 26.81 -30.65
C CYS B 245 0.42 26.67 -30.06
N VAL B 246 0.68 25.58 -29.35
CA VAL B 246 2.03 25.30 -28.86
C VAL B 246 2.96 24.93 -30.03
N LYS B 247 2.41 24.26 -31.05
CA LYS B 247 3.17 23.94 -32.27
C LYS B 247 3.30 25.16 -33.19
N ASN B 248 2.21 25.91 -33.33
CA ASN B 248 2.17 27.11 -34.19
C ASN B 248 1.80 28.36 -33.40
N PRO B 249 2.75 28.91 -32.63
CA PRO B 249 2.50 30.17 -31.91
C PRO B 249 2.42 31.37 -32.86
N GLU B 250 2.85 31.18 -34.12
CA GLU B 250 2.64 32.15 -35.19
C GLU B 250 1.18 32.23 -35.65
N ASP B 251 0.34 31.29 -35.23
CA ASP B 251 -1.08 31.30 -35.56
C ASP B 251 -1.78 32.43 -34.80
N SER B 252 -2.26 33.42 -35.56
CA SER B 252 -2.87 34.62 -34.98
C SER B 252 -4.20 34.35 -34.27
N SER B 253 -4.73 33.13 -34.40
CA SER B 253 -5.89 32.69 -33.63
C SER B 253 -5.50 32.57 -32.15
N CYS B 254 -5.66 31.39 -31.55
CA CYS B 254 -5.16 31.12 -30.20
C CYS B 254 -5.67 32.10 -29.13
#